data_1K6H
#
_entry.id   1K6H
#
_entity_poly.entity_id   1
_entity_poly.type   'polyribonucleotide'
_entity_poly.pdbx_seq_one_letter_code
;GGCGUGUUCAGAAGAACGCGCC
;
_entity_poly.pdbx_strand_id   A
#